data_5AYO
#
_entry.id   5AYO
#
_cell.length_a   63.530
_cell.length_b   70.680
_cell.length_c   101.790
_cell.angle_alpha   90.000
_cell.angle_beta   90.000
_cell.angle_gamma   90.000
#
_symmetry.space_group_name_H-M   'P 21 21 21'
#
loop_
_entity.id
_entity.type
_entity.pdbx_description
1 polymer 'Solute carrier family 39 (Iron-regulated transporter)'
2 non-polymer 'POTASSIUM ION'
3 non-polymer 'ZINC ION'
4 non-polymer '(2R)-2,3-dihydroxypropyl (9Z)-octadec-9-enoate'
5 water water
#
_entity_poly.entity_id   1
_entity_poly.type   'polypeptide(L)'
_entity_poly.pdbx_seq_one_letter_code
;MKVQSLLRIETQLLLGRLLTRSGDQAWDFVVPFALLVIFPGKLQVAAFYYLIVKIGTFLLTPSSGKWIDTHPRIQVVKWG
VWLQFFAILAGMVFFGMLDGLVRAGGRESWLLSVLFIALALSGVMASLGSQITDISVGNDLAPSLVAPEKLTHFNSWLRR
IDLATEVGAPILAGALFAFHPEQLPLAGLFLIGLWNLVSFVPEYFLLRNVIQRSGLKIKVLTEAQSWKDTFHINLRGSFS
DPIFWLILSYALLWLSVLSPHGVLLAAYLKDEMRLPETEIGLFRGLGAVFGLISTVSFPYLVRRLGLISSSRWHLGFQGV
TLGIAVTAFAMGSTASVYVFLGCILLSRVGLYGFSNGEFELRQRLIPEGRRGELNSLSSLTTTSATLILFSAGSLLPQTE
DFKYLVYVSLAAVLLANVVFIKWSSRQGVVTSGSENLYFQ
;
_entity_poly.pdbx_strand_id   A
#
loop_
_chem_comp.id
_chem_comp.type
_chem_comp.name
_chem_comp.formula
K non-polymer 'POTASSIUM ION' 'K 1'
OLC non-polymer '(2R)-2,3-dihydroxypropyl (9Z)-octadec-9-enoate' 'C21 H40 O4'
ZN non-polymer 'ZINC ION' 'Zn 2'
#
# COMPACT_ATOMS: atom_id res chain seq x y z
N GLN A 4 12.05 -2.95 -33.15
CA GLN A 4 11.57 -4.26 -32.71
C GLN A 4 12.61 -4.97 -31.86
N SER A 5 13.50 -4.19 -31.24
CA SER A 5 14.56 -4.76 -30.40
C SER A 5 14.06 -5.00 -28.98
N LEU A 6 14.66 -5.97 -28.30
CA LEU A 6 14.28 -6.32 -26.95
C LEU A 6 14.52 -5.17 -25.98
N LEU A 7 15.67 -4.51 -26.13
CA LEU A 7 16.01 -3.38 -25.27
C LEU A 7 15.01 -2.24 -25.47
N ARG A 8 14.53 -2.09 -26.69
CA ARG A 8 13.50 -1.10 -26.99
C ARG A 8 12.22 -1.42 -26.23
N ILE A 9 11.80 -2.68 -26.27
CA ILE A 9 10.60 -3.13 -25.57
C ILE A 9 10.77 -2.99 -24.07
N GLU A 10 11.96 -3.30 -23.56
CA GLU A 10 12.22 -3.22 -22.14
C GLU A 10 12.14 -1.79 -21.62
N THR A 11 12.84 -0.87 -22.28
CA THR A 11 12.86 0.53 -21.85
C THR A 11 11.49 1.17 -21.91
N GLN A 12 10.69 0.78 -22.90
CA GLN A 12 9.34 1.32 -23.04
C GLN A 12 8.44 0.88 -21.88
N LEU A 13 8.46 -0.41 -21.58
CA LEU A 13 7.67 -0.96 -20.49
C LEU A 13 8.12 -0.38 -19.16
N LEU A 14 9.41 -0.12 -19.02
CA LEU A 14 9.96 0.46 -17.81
C LEU A 14 9.48 1.90 -17.63
N LEU A 15 9.59 2.69 -18.71
CA LEU A 15 9.13 4.08 -18.69
C LEU A 15 7.62 4.13 -18.49
N GLY A 16 6.91 3.19 -19.10
CA GLY A 16 5.48 3.11 -18.97
C GLY A 16 5.07 2.78 -17.56
N ARG A 17 5.83 1.89 -16.92
CA ARG A 17 5.57 1.52 -15.53
C ARG A 17 5.91 2.68 -14.60
N LEU A 18 6.94 3.43 -14.96
CA LEU A 18 7.39 4.58 -14.17
C LEU A 18 6.27 5.60 -13.98
N LEU A 19 5.50 5.84 -15.03
CA LEU A 19 4.41 6.81 -14.99
C LEU A 19 3.22 6.30 -14.17
N THR A 20 2.82 5.06 -14.43
CA THR A 20 1.62 4.50 -13.80
C THR A 20 1.86 4.10 -12.34
N ARG A 21 3.08 3.72 -12.00
CA ARG A 21 3.41 3.38 -10.62
C ARG A 21 3.49 4.66 -9.78
N SER A 22 4.01 5.72 -10.39
CA SER A 22 4.05 7.02 -9.74
C SER A 22 2.63 7.59 -9.64
N GLY A 23 1.81 7.29 -10.63
CA GLY A 23 0.44 7.74 -10.65
C GLY A 23 -0.40 7.11 -9.56
N ASP A 24 -0.23 5.80 -9.38
CA ASP A 24 -0.96 5.08 -8.34
C ASP A 24 -0.48 5.47 -6.94
N GLN A 25 0.84 5.57 -6.78
CA GLN A 25 1.44 5.92 -5.50
C GLN A 25 1.05 7.33 -5.06
N ALA A 26 0.97 8.25 -6.01
CA ALA A 26 0.61 9.64 -5.71
C ALA A 26 -0.86 9.75 -5.33
N TRP A 27 -1.71 9.08 -6.11
CA TRP A 27 -3.15 9.11 -5.89
C TRP A 27 -3.52 8.44 -4.58
N ASP A 28 -2.94 7.27 -4.31
CA ASP A 28 -3.25 6.53 -3.08
C ASP A 28 -2.69 7.20 -1.84
N PHE A 29 -1.87 8.24 -2.04
CA PHE A 29 -1.29 8.97 -0.93
C PHE A 29 -2.10 10.21 -0.59
N VAL A 30 -2.79 10.76 -1.58
CA VAL A 30 -3.54 12.00 -1.39
C VAL A 30 -5.03 11.75 -1.11
N VAL A 31 -5.44 10.49 -1.15
CA VAL A 31 -6.81 10.13 -0.81
C VAL A 31 -7.17 10.44 0.65
N PRO A 32 -6.31 10.07 1.62
CA PRO A 32 -6.68 10.44 2.99
C PRO A 32 -6.64 11.94 3.24
N PHE A 33 -5.85 12.66 2.44
CA PHE A 33 -5.76 14.11 2.55
C PHE A 33 -7.07 14.78 2.11
N ALA A 34 -7.61 14.31 0.99
CA ALA A 34 -8.84 14.88 0.44
C ALA A 34 -10.05 14.48 1.27
N LEU A 35 -9.92 13.41 2.05
CA LEU A 35 -11.00 12.95 2.91
C LEU A 35 -11.10 13.78 4.18
N LEU A 36 -10.04 14.52 4.49
CA LEU A 36 -10.01 15.30 5.72
C LEU A 36 -10.03 16.80 5.46
N VAL A 37 -10.28 17.18 4.20
CA VAL A 37 -10.58 18.56 3.88
C VAL A 37 -12.09 18.66 3.65
N ILE A 38 -12.70 17.50 3.40
CA ILE A 38 -14.14 17.39 3.28
C ILE A 38 -14.70 17.03 4.65
N PHE A 39 -13.91 16.27 5.41
CA PHE A 39 -14.27 15.94 6.78
C PHE A 39 -13.11 16.21 7.74
N PRO A 40 -12.83 17.50 8.02
CA PRO A 40 -11.74 17.84 8.94
C PRO A 40 -12.12 17.53 10.38
N GLY A 41 -11.20 16.92 11.13
CA GLY A 41 -11.45 16.55 12.51
C GLY A 41 -12.09 15.19 12.63
N LYS A 42 -12.52 14.63 11.50
CA LYS A 42 -13.20 13.34 11.49
C LYS A 42 -12.38 12.29 10.73
N LEU A 43 -11.51 11.60 11.46
CA LEU A 43 -10.67 10.55 10.87
C LEU A 43 -11.48 9.30 10.56
N GLN A 44 -12.59 9.14 11.25
CA GLN A 44 -13.44 7.94 11.11
C GLN A 44 -13.86 7.73 9.66
N VAL A 45 -14.12 8.83 8.96
CA VAL A 45 -14.49 8.77 7.55
C VAL A 45 -13.40 8.08 6.73
N ALA A 46 -12.16 8.51 6.92
CA ALA A 46 -11.02 7.95 6.22
C ALA A 46 -10.87 6.45 6.50
N ALA A 47 -11.00 6.08 7.76
CA ALA A 47 -10.89 4.68 8.16
C ALA A 47 -12.05 3.86 7.63
N PHE A 48 -13.26 4.38 7.80
CA PHE A 48 -14.46 3.68 7.34
C PHE A 48 -14.48 3.55 5.82
N TYR A 49 -13.93 4.56 5.14
CA TYR A 49 -13.78 4.51 3.70
C TYR A 49 -12.91 3.32 3.30
N TYR A 50 -11.75 3.21 3.92
CA TYR A 50 -10.82 2.11 3.65
C TYR A 50 -11.36 0.78 4.15
N LEU A 51 -12.26 0.85 5.14
CA LEU A 51 -12.86 -0.35 5.70
C LEU A 51 -13.81 -1.01 4.70
N ILE A 52 -14.72 -0.22 4.15
CA ILE A 52 -15.71 -0.74 3.20
C ILE A 52 -15.10 -0.98 1.83
N VAL A 53 -13.98 -0.31 1.56
CA VAL A 53 -13.23 -0.56 0.33
C VAL A 53 -12.59 -1.95 0.39
N LYS A 54 -12.00 -2.26 1.55
CA LYS A 54 -11.37 -3.56 1.75
C LYS A 54 -12.40 -4.70 1.73
N ILE A 55 -13.53 -4.46 2.39
CA ILE A 55 -14.61 -5.46 2.45
C ILE A 55 -15.25 -5.65 1.07
N GLY A 56 -15.60 -4.53 0.43
CA GLY A 56 -16.24 -4.57 -0.87
C GLY A 56 -15.37 -5.23 -1.93
N THR A 57 -14.06 -5.13 -1.76
CA THR A 57 -13.12 -5.74 -2.71
C THR A 57 -13.01 -7.24 -2.46
N PHE A 58 -13.03 -7.63 -1.19
CA PHE A 58 -12.91 -9.02 -0.81
C PHE A 58 -14.15 -9.81 -1.20
N LEU A 59 -15.31 -9.17 -1.12
CA LEU A 59 -16.57 -9.82 -1.44
C LEU A 59 -16.80 -9.91 -2.95
N LEU A 60 -16.03 -9.12 -3.71
CA LEU A 60 -16.18 -9.08 -5.16
C LEU A 60 -14.99 -9.73 -5.85
N THR A 61 -14.02 -10.19 -5.07
CA THR A 61 -12.85 -10.87 -5.61
C THR A 61 -13.18 -12.27 -6.17
N PRO A 62 -13.92 -13.10 -5.40
CA PRO A 62 -14.25 -14.39 -6.03
C PRO A 62 -15.35 -14.26 -7.07
N SER A 63 -16.13 -13.19 -6.97
CA SER A 63 -17.22 -12.93 -7.91
C SER A 63 -16.68 -12.52 -9.27
N SER A 64 -15.54 -11.84 -9.28
CA SER A 64 -14.93 -11.37 -10.52
C SER A 64 -14.14 -12.48 -11.19
N GLY A 65 -13.59 -13.38 -10.38
CA GLY A 65 -12.78 -14.47 -10.89
C GLY A 65 -13.52 -15.41 -11.82
N LYS A 66 -14.82 -15.54 -11.60
CA LYS A 66 -15.66 -16.40 -12.41
C LYS A 66 -15.94 -15.78 -13.78
N TRP A 67 -15.75 -14.47 -13.88
CA TRP A 67 -15.98 -13.75 -15.13
C TRP A 67 -14.68 -13.42 -15.84
N ILE A 68 -13.61 -14.12 -15.46
CA ILE A 68 -12.29 -13.91 -16.04
C ILE A 68 -11.64 -15.25 -16.39
N ASP A 69 -11.98 -16.27 -15.63
CA ASP A 69 -11.36 -17.59 -15.74
C ASP A 69 -11.41 -18.17 -17.15
N THR A 70 -12.45 -17.84 -17.90
CA THR A 70 -12.62 -18.37 -19.25
C THR A 70 -12.61 -17.26 -20.30
N HIS A 71 -11.76 -16.26 -20.08
CA HIS A 71 -11.64 -15.15 -21.03
C HIS A 71 -10.19 -14.90 -21.44
N PRO A 72 -9.97 -14.56 -22.71
CA PRO A 72 -8.64 -14.26 -23.26
C PRO A 72 -7.96 -13.10 -22.53
N ARG A 73 -6.64 -13.21 -22.36
CA ARG A 73 -5.86 -12.20 -21.65
C ARG A 73 -5.93 -10.82 -22.31
N ILE A 74 -6.06 -10.80 -23.64
CA ILE A 74 -6.05 -9.54 -24.38
C ILE A 74 -7.32 -8.73 -24.11
N GLN A 75 -8.36 -9.39 -23.61
CA GLN A 75 -9.60 -8.71 -23.26
C GLN A 75 -9.63 -8.32 -21.79
N VAL A 76 -9.07 -9.18 -20.94
CA VAL A 76 -9.02 -8.93 -19.51
C VAL A 76 -8.19 -7.69 -19.20
N VAL A 77 -7.12 -7.50 -19.98
CA VAL A 77 -6.31 -6.29 -19.88
C VAL A 77 -7.13 -5.07 -20.30
N LYS A 78 -7.90 -5.23 -21.37
CA LYS A 78 -8.74 -4.16 -21.88
C LYS A 78 -9.79 -3.74 -20.85
N TRP A 79 -10.25 -4.70 -20.06
CA TRP A 79 -11.24 -4.43 -19.02
C TRP A 79 -10.61 -3.74 -17.82
N GLY A 80 -9.68 -4.43 -17.17
CA GLY A 80 -9.08 -3.98 -15.93
C GLY A 80 -8.45 -2.60 -15.95
N VAL A 81 -7.69 -2.31 -17.00
CA VAL A 81 -7.00 -1.03 -17.11
C VAL A 81 -7.99 0.13 -17.21
N TRP A 82 -8.97 -0.01 -18.10
CA TRP A 82 -9.97 1.04 -18.30
C TRP A 82 -10.99 1.06 -17.15
N LEU A 83 -11.08 -0.04 -16.42
CA LEU A 83 -11.96 -0.10 -15.26
C LEU A 83 -11.40 0.78 -14.15
N GLN A 84 -10.09 0.84 -14.04
CA GLN A 84 -9.43 1.72 -13.09
C GLN A 84 -9.58 3.17 -13.52
N PHE A 85 -9.45 3.39 -14.83
CA PHE A 85 -9.55 4.72 -15.42
C PHE A 85 -10.87 5.39 -15.05
N PHE A 86 -11.97 4.66 -15.22
CA PHE A 86 -13.29 5.20 -14.96
C PHE A 86 -13.62 5.18 -13.46
N ALA A 87 -12.82 4.44 -12.69
CA ALA A 87 -13.00 4.39 -11.25
C ALA A 87 -12.27 5.55 -10.57
N ILE A 88 -11.14 5.94 -11.14
CA ILE A 88 -10.40 7.11 -10.67
C ILE A 88 -11.18 8.37 -11.04
N LEU A 89 -11.74 8.36 -12.25
CA LEU A 89 -12.54 9.48 -12.74
C LEU A 89 -13.81 9.66 -11.90
N ALA A 90 -14.46 8.54 -11.58
CA ALA A 90 -15.66 8.57 -10.74
C ALA A 90 -15.29 9.01 -9.33
N GLY A 91 -14.07 8.70 -8.91
CA GLY A 91 -13.58 9.12 -7.60
C GLY A 91 -13.45 10.63 -7.53
N MET A 92 -12.90 11.22 -8.60
CA MET A 92 -12.72 12.66 -8.66
C MET A 92 -14.04 13.40 -8.71
N VAL A 93 -15.02 12.83 -9.43
CA VAL A 93 -16.34 13.43 -9.54
C VAL A 93 -17.03 13.47 -8.17
N PHE A 94 -17.02 12.33 -7.48
CA PHE A 94 -17.61 12.24 -6.16
C PHE A 94 -16.85 13.10 -5.14
N PHE A 95 -15.55 13.28 -5.39
CA PHE A 95 -14.73 14.12 -4.54
C PHE A 95 -15.10 15.59 -4.68
N GLY A 96 -15.19 16.05 -5.93
CA GLY A 96 -15.54 17.42 -6.22
C GLY A 96 -16.94 17.78 -5.73
N MET A 97 -17.82 16.79 -5.74
CA MET A 97 -19.19 16.98 -5.27
C MET A 97 -19.27 17.01 -3.75
N LEU A 98 -18.52 16.12 -3.10
CA LEU A 98 -18.51 16.05 -1.64
C LEU A 98 -17.97 17.34 -1.03
N ASP A 99 -16.90 17.87 -1.60
CA ASP A 99 -16.36 19.15 -1.15
C ASP A 99 -17.34 20.27 -1.47
N GLY A 100 -18.00 20.15 -2.62
CA GLY A 100 -18.98 21.14 -3.04
C GLY A 100 -20.25 21.12 -2.21
N LEU A 101 -20.58 19.95 -1.69
CA LEU A 101 -21.79 19.80 -0.88
C LEU A 101 -21.55 20.24 0.55
N VAL A 102 -20.37 19.95 1.08
CA VAL A 102 -20.00 20.38 2.43
C VAL A 102 -19.89 21.90 2.49
N ARG A 103 -19.35 22.48 1.44
CA ARG A 103 -19.18 23.94 1.36
C ARG A 103 -20.49 24.65 1.01
N ALA A 104 -21.60 23.93 1.05
CA ALA A 104 -22.89 24.51 0.66
C ALA A 104 -23.67 25.16 1.82
N GLY A 105 -23.94 24.46 2.94
CA GLY A 105 -23.55 23.09 3.22
C GLY A 105 -24.09 22.66 4.57
N GLY A 106 -24.63 21.44 4.65
CA GLY A 106 -24.70 20.54 3.51
C GLY A 106 -24.39 19.11 3.92
N ARG A 107 -23.80 18.95 5.10
CA ARG A 107 -23.41 17.64 5.60
C ARG A 107 -24.55 16.94 6.34
N GLU A 108 -25.62 17.70 6.61
CA GLU A 108 -26.76 17.16 7.36
C GLU A 108 -27.63 16.26 6.51
N SER A 109 -27.65 16.53 5.21
CA SER A 109 -28.50 15.78 4.29
C SER A 109 -28.02 14.35 4.08
N TRP A 110 -28.94 13.46 3.73
CA TRP A 110 -28.61 12.07 3.43
C TRP A 110 -27.97 11.98 2.04
N LEU A 111 -27.97 13.10 1.32
CA LEU A 111 -27.35 13.19 0.01
C LEU A 111 -25.84 13.00 0.10
N LEU A 112 -25.26 13.48 1.20
CA LEU A 112 -23.83 13.39 1.42
C LEU A 112 -23.40 11.94 1.65
N SER A 113 -24.21 11.20 2.41
CA SER A 113 -23.92 9.79 2.69
C SER A 113 -23.97 8.96 1.42
N VAL A 114 -24.85 9.35 0.50
CA VAL A 114 -24.96 8.66 -0.78
C VAL A 114 -23.69 8.84 -1.60
N LEU A 115 -23.19 10.07 -1.65
CA LEU A 115 -21.97 10.38 -2.38
C LEU A 115 -20.77 9.62 -1.83
N PHE A 116 -20.71 9.48 -0.51
CA PHE A 116 -19.60 8.80 0.14
C PHE A 116 -19.60 7.30 -0.16
N ILE A 117 -20.77 6.67 -0.04
CA ILE A 117 -20.91 5.26 -0.35
C ILE A 117 -20.54 5.02 -1.81
N ALA A 118 -20.98 5.92 -2.68
CA ALA A 118 -20.65 5.86 -4.09
C ALA A 118 -19.15 6.05 -4.31
N LEU A 119 -18.56 6.96 -3.53
CA LEU A 119 -17.13 7.24 -3.60
C LEU A 119 -16.32 6.00 -3.24
N ALA A 120 -16.69 5.37 -2.13
CA ALA A 120 -15.99 4.17 -1.67
C ALA A 120 -16.20 3.02 -2.64
N LEU A 121 -17.41 2.95 -3.21
CA LEU A 121 -17.73 1.94 -4.21
C LEU A 121 -16.82 2.13 -5.42
N SER A 122 -16.53 3.40 -5.74
CA SER A 122 -15.61 3.72 -6.82
C SER A 122 -14.19 3.30 -6.44
N GLY A 123 -13.86 3.46 -5.17
CA GLY A 123 -12.57 3.03 -4.66
C GLY A 123 -12.41 1.53 -4.74
N VAL A 124 -13.53 0.83 -4.62
CA VAL A 124 -13.54 -0.62 -4.76
C VAL A 124 -13.21 -1.04 -6.18
N MET A 125 -13.85 -0.37 -7.14
CA MET A 125 -13.65 -0.67 -8.56
C MET A 125 -12.20 -0.42 -8.99
N ALA A 126 -11.59 0.61 -8.44
CA ALA A 126 -10.21 0.94 -8.76
C ALA A 126 -9.26 -0.16 -8.30
N SER A 127 -9.46 -0.63 -7.07
CA SER A 127 -8.65 -1.70 -6.52
C SER A 127 -9.01 -3.04 -7.17
N LEU A 128 -10.29 -3.20 -7.52
CA LEU A 128 -10.75 -4.40 -8.20
C LEU A 128 -10.17 -4.45 -9.61
N GLY A 129 -10.20 -3.31 -10.30
CA GLY A 129 -9.63 -3.20 -11.63
C GLY A 129 -8.13 -3.40 -11.61
N SER A 130 -7.52 -3.08 -10.47
CA SER A 130 -6.08 -3.28 -10.30
C SER A 130 -5.76 -4.76 -10.21
N GLN A 131 -6.59 -5.50 -9.48
CA GLN A 131 -6.43 -6.95 -9.38
C GLN A 131 -6.61 -7.60 -10.74
N ILE A 132 -7.66 -7.19 -11.45
CA ILE A 132 -7.97 -7.72 -12.77
C ILE A 132 -6.80 -7.54 -13.74
N THR A 133 -6.18 -6.37 -13.69
CA THR A 133 -5.03 -6.08 -14.55
C THR A 133 -3.83 -6.94 -14.17
N ASP A 134 -3.66 -7.18 -12.88
CA ASP A 134 -2.55 -7.98 -12.38
C ASP A 134 -2.64 -9.44 -12.82
N ILE A 135 -3.86 -10.00 -12.75
CA ILE A 135 -4.08 -11.39 -13.09
C ILE A 135 -3.86 -11.64 -14.58
N SER A 136 -4.33 -10.71 -15.41
CA SER A 136 -4.16 -10.81 -16.86
C SER A 136 -2.68 -10.77 -17.23
N VAL A 137 -1.93 -9.89 -16.58
CA VAL A 137 -0.49 -9.80 -16.78
C VAL A 137 0.19 -11.01 -16.14
N GLY A 138 -0.51 -11.63 -15.19
CA GLY A 138 -0.07 -12.88 -14.59
C GLY A 138 1.27 -12.85 -13.88
N ASN A 139 1.71 -14.02 -13.43
CA ASN A 139 3.00 -14.17 -12.78
C ASN A 139 3.99 -14.92 -13.66
N ASP A 140 3.49 -15.93 -14.36
CA ASP A 140 4.33 -16.79 -15.18
C ASP A 140 4.43 -16.26 -16.61
N LEU A 141 3.83 -15.10 -16.86
CA LEU A 141 3.85 -14.50 -18.19
C LEU A 141 5.18 -13.82 -18.49
N ALA A 142 5.81 -13.26 -17.45
CA ALA A 142 7.10 -12.61 -17.61
C ALA A 142 8.25 -13.60 -17.85
N PRO A 143 8.33 -14.69 -17.07
CA PRO A 143 9.41 -15.63 -17.37
C PRO A 143 9.20 -16.39 -18.68
N SER A 144 7.96 -16.55 -19.09
CA SER A 144 7.64 -17.29 -20.31
C SER A 144 7.81 -16.44 -21.56
N LEU A 145 8.25 -15.19 -21.37
CA LEU A 145 8.42 -14.28 -22.49
C LEU A 145 9.90 -13.99 -22.73
N VAL A 146 10.67 -13.90 -21.65
CA VAL A 146 12.09 -13.58 -21.74
C VAL A 146 12.94 -14.66 -21.05
N ALA A 147 14.13 -14.90 -21.59
CA ALA A 147 15.10 -15.81 -20.99
C ALA A 147 15.45 -15.35 -19.58
N PRO A 148 15.67 -16.31 -18.66
CA PRO A 148 15.92 -15.99 -17.24
C PRO A 148 17.15 -15.13 -17.02
N GLU A 149 18.08 -15.13 -17.98
CA GLU A 149 19.30 -14.33 -17.84
C GLU A 149 19.05 -12.86 -18.18
N LYS A 150 18.13 -12.63 -19.11
CA LYS A 150 17.79 -11.26 -19.50
C LYS A 150 16.65 -10.71 -18.65
N LEU A 151 16.04 -11.59 -17.87
CA LEU A 151 14.96 -11.20 -16.97
C LEU A 151 15.51 -10.79 -15.61
N THR A 152 16.56 -11.49 -15.16
CA THR A 152 17.20 -11.15 -13.90
C THR A 152 17.87 -9.78 -13.99
N HIS A 153 18.28 -9.41 -15.20
CA HIS A 153 18.80 -8.08 -15.46
C HIS A 153 17.66 -7.07 -15.50
N PHE A 154 16.52 -7.52 -16.03
CA PHE A 154 15.34 -6.68 -16.15
C PHE A 154 14.70 -6.44 -14.79
N ASN A 155 14.62 -7.51 -13.99
CA ASN A 155 14.05 -7.41 -12.65
C ASN A 155 14.90 -6.52 -11.75
N SER A 156 16.18 -6.41 -12.09
CA SER A 156 17.11 -5.56 -11.34
C SER A 156 16.74 -4.10 -11.54
N TRP A 157 16.18 -3.79 -12.71
CA TRP A 157 15.76 -2.42 -13.02
C TRP A 157 14.43 -2.07 -12.37
N LEU A 158 13.54 -3.06 -12.28
CA LEU A 158 12.22 -2.86 -11.69
C LEU A 158 12.33 -2.40 -10.24
N ARG A 159 13.20 -3.06 -9.49
CA ARG A 159 13.42 -2.72 -8.08
C ARG A 159 13.89 -1.27 -7.94
N ARG A 160 14.71 -0.82 -8.88
CA ARG A 160 15.21 0.55 -8.88
C ARG A 160 14.10 1.54 -9.20
N ILE A 161 13.27 1.20 -10.18
CA ILE A 161 12.20 2.07 -10.63
C ILE A 161 11.06 2.14 -9.61
N ASP A 162 10.71 0.98 -9.06
CA ASP A 162 9.70 0.91 -8.01
C ASP A 162 10.15 1.69 -6.78
N LEU A 163 11.45 1.72 -6.55
CA LEU A 163 12.04 2.50 -5.47
C LEU A 163 11.95 3.98 -5.78
N ALA A 164 12.18 4.33 -7.05
CA ALA A 164 12.15 5.72 -7.49
C ALA A 164 10.75 6.31 -7.35
N THR A 165 9.74 5.46 -7.50
CA THR A 165 8.35 5.93 -7.40
C THR A 165 7.91 5.98 -5.94
N GLU A 166 8.34 5.00 -5.14
CA GLU A 166 7.94 4.93 -3.75
C GLU A 166 8.57 6.05 -2.92
N VAL A 167 9.70 6.57 -3.40
CA VAL A 167 10.39 7.66 -2.71
C VAL A 167 10.01 9.01 -3.32
N GLY A 168 9.87 9.05 -4.65
CA GLY A 168 9.63 10.29 -5.35
C GLY A 168 8.18 10.75 -5.44
N ALA A 169 7.30 9.85 -5.86
CA ALA A 169 5.90 10.19 -6.06
C ALA A 169 5.19 10.75 -4.81
N PRO A 170 5.42 10.15 -3.63
CA PRO A 170 4.78 10.75 -2.45
C PRO A 170 5.23 12.18 -2.19
N ILE A 171 6.47 12.49 -2.57
CA ILE A 171 6.98 13.85 -2.44
C ILE A 171 6.37 14.76 -3.51
N LEU A 172 6.27 14.23 -4.73
CA LEU A 172 5.66 14.96 -5.83
C LEU A 172 4.17 15.19 -5.61
N ALA A 173 3.52 14.23 -4.97
CA ALA A 173 2.09 14.31 -4.71
C ALA A 173 1.78 15.39 -3.67
N GLY A 174 2.52 15.37 -2.58
CA GLY A 174 2.32 16.32 -1.48
C GLY A 174 2.55 17.76 -1.89
N ALA A 175 3.37 17.96 -2.92
CA ALA A 175 3.64 19.29 -3.44
C ALA A 175 2.52 19.76 -4.35
N LEU A 176 2.07 18.86 -5.23
CA LEU A 176 1.00 19.19 -6.16
C LEU A 176 -0.34 19.33 -5.44
N PHE A 177 -0.57 18.51 -4.43
CA PHE A 177 -1.80 18.58 -3.64
C PHE A 177 -1.83 19.86 -2.82
N ALA A 178 -0.65 20.41 -2.53
CA ALA A 178 -0.54 21.64 -1.77
C ALA A 178 -0.78 22.87 -2.63
N PHE A 179 -1.46 22.67 -3.77
CA PHE A 179 -1.85 23.76 -4.65
C PHE A 179 -2.74 24.74 -3.88
N HIS A 180 -3.94 24.28 -3.55
CA HIS A 180 -4.89 25.04 -2.74
C HIS A 180 -5.14 26.47 -3.23
N PRO A 181 -5.66 26.63 -4.45
CA PRO A 181 -6.04 27.99 -4.85
C PRO A 181 -7.39 28.38 -4.24
N GLU A 182 -7.84 29.60 -4.52
CA GLU A 182 -9.10 30.09 -3.96
C GLU A 182 -10.29 29.22 -4.37
N GLN A 183 -10.30 28.82 -5.64
CA GLN A 183 -11.34 27.95 -6.18
C GLN A 183 -10.90 27.38 -7.53
N LEU A 184 -10.88 26.05 -7.64
CA LEU A 184 -11.30 25.15 -6.56
C LEU A 184 -10.14 24.79 -5.64
N PRO A 185 -10.43 24.60 -4.34
CA PRO A 185 -9.39 24.26 -3.36
C PRO A 185 -8.85 22.84 -3.51
N LEU A 186 -9.50 22.04 -4.35
CA LEU A 186 -9.05 20.66 -4.59
C LEU A 186 -8.51 20.50 -6.00
N ALA A 187 -7.98 21.59 -6.56
CA ALA A 187 -7.41 21.58 -7.90
C ALA A 187 -6.15 20.71 -7.94
N GLY A 188 -5.41 20.72 -6.84
CA GLY A 188 -4.20 19.90 -6.72
C GLY A 188 -4.52 18.42 -6.76
N LEU A 189 -5.62 18.04 -6.14
CA LEU A 189 -6.07 16.65 -6.14
C LEU A 189 -6.49 16.24 -7.55
N PHE A 190 -7.15 17.14 -8.26
CA PHE A 190 -7.66 16.86 -9.59
C PHE A 190 -6.54 16.70 -10.60
N LEU A 191 -5.42 17.38 -10.36
CA LEU A 191 -4.26 17.27 -11.24
C LEU A 191 -3.58 15.93 -11.05
N ILE A 192 -3.45 15.50 -9.80
CA ILE A 192 -2.87 14.19 -9.48
C ILE A 192 -3.77 13.08 -10.00
N GLY A 193 -5.08 13.31 -9.94
CA GLY A 193 -6.04 12.39 -10.49
C GLY A 193 -5.94 12.33 -12.01
N LEU A 194 -5.69 13.48 -12.62
CA LEU A 194 -5.47 13.55 -14.06
C LEU A 194 -4.13 12.92 -14.40
N TRP A 195 -3.16 13.11 -13.51
CA TRP A 195 -1.86 12.46 -13.61
C TRP A 195 -2.04 10.95 -13.68
N ASN A 196 -2.94 10.44 -12.84
CA ASN A 196 -3.21 9.00 -12.79
C ASN A 196 -3.85 8.50 -14.08
N LEU A 197 -4.73 9.33 -14.65
CA LEU A 197 -5.44 8.94 -15.88
C LEU A 197 -4.51 8.92 -17.09
N VAL A 198 -3.69 9.96 -17.23
CA VAL A 198 -2.76 10.06 -18.35
C VAL A 198 -1.72 8.94 -18.28
N SER A 199 -1.41 8.49 -17.08
CA SER A 199 -0.42 7.44 -16.90
C SER A 199 -1.01 6.05 -17.13
N PHE A 200 -2.32 6.01 -17.41
CA PHE A 200 -3.01 4.75 -17.64
C PHE A 200 -3.04 4.35 -19.11
N VAL A 201 -3.11 5.34 -20.00
CA VAL A 201 -3.21 5.06 -21.43
C VAL A 201 -1.92 4.50 -22.07
N PRO A 202 -0.73 4.77 -21.50
CA PRO A 202 0.37 3.99 -22.08
C PRO A 202 0.41 2.59 -21.50
N GLU A 203 -0.07 2.44 -20.27
CA GLU A 203 -0.11 1.15 -19.60
C GLU A 203 -0.94 0.15 -20.38
N TYR A 204 -2.09 0.61 -20.89
CA TYR A 204 -2.98 -0.24 -21.66
C TYR A 204 -2.32 -0.72 -22.95
N PHE A 205 -1.68 0.20 -23.66
CA PHE A 205 -1.05 -0.11 -24.94
C PHE A 205 0.17 -1.01 -24.77
N LEU A 206 1.07 -0.64 -23.87
CA LEU A 206 2.30 -1.39 -23.66
C LEU A 206 2.03 -2.81 -23.16
N LEU A 207 0.94 -2.98 -22.43
CA LEU A 207 0.58 -4.30 -21.93
C LEU A 207 -0.22 -5.07 -22.96
N ARG A 208 -0.81 -4.36 -23.92
CA ARG A 208 -1.57 -5.01 -24.98
C ARG A 208 -0.66 -5.43 -26.13
N ASN A 209 0.33 -4.59 -26.43
CA ASN A 209 1.26 -4.86 -27.52
C ASN A 209 2.17 -6.05 -27.21
N VAL A 210 2.42 -6.28 -25.93
CA VAL A 210 3.27 -7.40 -25.51
C VAL A 210 2.49 -8.71 -25.61
N ILE A 211 1.17 -8.62 -25.61
CA ILE A 211 0.33 -9.80 -25.78
C ILE A 211 0.27 -10.20 -27.25
N GLN A 212 0.13 -9.21 -28.12
CA GLN A 212 0.07 -9.45 -29.56
C GLN A 212 1.43 -9.86 -30.12
N ARG A 213 2.50 -9.37 -29.50
CA ARG A 213 3.85 -9.71 -29.93
C ARG A 213 4.16 -11.18 -29.63
N SER A 214 3.65 -11.67 -28.49
CA SER A 214 3.84 -13.05 -28.10
C SER A 214 2.50 -13.77 -27.97
N GLY A 215 2.04 -14.36 -29.06
CA GLY A 215 0.75 -15.02 -29.08
C GLY A 215 0.71 -16.33 -28.30
N LEU A 216 1.56 -17.27 -28.69
CA LEU A 216 1.56 -18.60 -28.09
C LEU A 216 2.64 -18.77 -27.02
N LYS A 217 3.50 -17.77 -26.89
CA LYS A 217 4.55 -17.80 -25.87
C LYS A 217 3.93 -17.79 -24.48
N ILE A 218 2.81 -17.09 -24.35
CA ILE A 218 2.06 -17.07 -23.10
C ILE A 218 0.77 -17.84 -23.27
N LYS A 219 0.12 -18.16 -22.16
CA LYS A 219 -1.19 -18.83 -22.22
C LYS A 219 -2.25 -17.84 -22.68
N VAL A 220 -3.10 -18.29 -23.59
CA VAL A 220 -4.14 -17.44 -24.15
C VAL A 220 -5.18 -17.04 -23.11
N LEU A 221 -5.45 -17.95 -22.17
CA LEU A 221 -6.46 -17.71 -21.14
C LEU A 221 -5.82 -17.42 -19.78
N THR A 222 -6.67 -17.25 -18.77
CA THR A 222 -6.21 -16.96 -17.42
C THR A 222 -6.82 -17.93 -16.41
N SER A 240 0.79 -27.55 8.92
CA SER A 240 1.62 -27.49 10.12
C SER A 240 1.04 -26.50 11.13
N ASP A 241 0.48 -27.03 12.21
CA ASP A 241 -0.11 -26.20 13.27
C ASP A 241 0.91 -25.27 13.96
N PRO A 242 2.13 -25.75 14.28
CA PRO A 242 3.07 -24.81 14.91
C PRO A 242 3.54 -23.70 13.98
N ILE A 243 3.31 -23.86 12.68
CA ILE A 243 3.72 -22.85 11.70
C ILE A 243 2.76 -21.67 11.69
N PHE A 244 1.67 -21.77 12.44
CA PHE A 244 0.66 -20.73 12.50
C PHE A 244 1.16 -19.51 13.28
N TRP A 245 1.91 -19.76 14.35
CA TRP A 245 2.38 -18.69 15.21
C TRP A 245 3.40 -17.81 14.51
N LEU A 246 4.13 -18.40 13.57
CA LEU A 246 5.08 -17.64 12.74
C LEU A 246 4.31 -16.65 11.87
N ILE A 247 3.16 -17.09 11.37
CA ILE A 247 2.29 -16.24 10.57
C ILE A 247 1.67 -15.15 11.43
N LEU A 248 1.25 -15.53 12.64
CA LEU A 248 0.58 -14.61 13.55
C LEU A 248 1.47 -13.43 13.94
N SER A 249 2.70 -13.75 14.35
CA SER A 249 3.66 -12.71 14.77
C SER A 249 3.95 -11.72 13.66
N TYR A 250 3.78 -12.16 12.41
CA TYR A 250 3.93 -11.27 11.27
C TYR A 250 2.64 -10.52 11.00
N ALA A 251 1.50 -11.18 11.25
CA ALA A 251 0.19 -10.60 11.01
C ALA A 251 -0.17 -9.57 12.08
N LEU A 252 0.47 -9.67 13.23
CA LEU A 252 0.25 -8.72 14.32
C LEU A 252 0.82 -7.35 13.97
N LEU A 253 1.78 -7.32 13.06
CA LEU A 253 2.40 -6.07 12.62
C LEU A 253 1.51 -5.33 11.62
N TRP A 254 0.44 -5.99 11.19
CA TRP A 254 -0.53 -5.37 10.30
C TRP A 254 -1.57 -4.60 11.10
N LEU A 255 -1.49 -4.72 12.42
CA LEU A 255 -2.39 -4.01 13.32
C LEU A 255 -1.85 -2.63 13.69
N SER A 256 -0.60 -2.38 13.32
CA SER A 256 0.06 -1.13 13.68
C SER A 256 -0.34 0.01 12.75
N VAL A 257 -0.29 1.23 13.27
CA VAL A 257 -0.55 2.43 12.48
C VAL A 257 0.73 3.20 12.24
N LEU A 258 1.78 2.82 12.96
CA LEU A 258 3.07 3.51 12.88
C LEU A 258 3.86 3.08 11.65
N SER A 259 3.58 3.72 10.52
CA SER A 259 4.28 3.45 9.28
C SER A 259 4.15 4.61 8.32
N PRO A 260 5.26 4.96 7.64
CA PRO A 260 5.25 6.01 6.62
C PRO A 260 4.32 5.68 5.45
N HIS A 261 4.08 4.39 5.24
CA HIS A 261 3.24 3.94 4.14
C HIS A 261 1.79 3.81 4.60
N GLY A 262 1.56 3.97 5.89
CA GLY A 262 0.22 3.90 6.45
C GLY A 262 -0.61 5.13 6.10
N VAL A 263 -1.91 4.91 5.93
CA VAL A 263 -2.81 5.98 5.52
C VAL A 263 -3.41 6.72 6.71
N LEU A 264 -3.62 6.02 7.81
CA LEU A 264 -4.20 6.61 9.01
C LEU A 264 -3.28 7.64 9.65
N LEU A 265 -1.98 7.30 9.71
CA LEU A 265 -0.99 8.20 10.28
C LEU A 265 -0.84 9.46 9.43
N ALA A 266 -0.91 9.27 8.12
CA ALA A 266 -0.76 10.38 7.18
C ALA A 266 -1.89 11.41 7.36
N ALA A 267 -3.06 10.92 7.74
CA ALA A 267 -4.21 11.80 7.97
C ALA A 267 -4.08 12.52 9.30
N TYR A 268 -3.56 11.82 10.31
CA TYR A 268 -3.35 12.39 11.63
C TYR A 268 -2.26 13.47 11.58
N LEU A 269 -1.24 13.23 10.78
CA LEU A 269 -0.12 14.18 10.64
C LEU A 269 -0.55 15.42 9.86
N LYS A 270 -1.65 15.31 9.12
CA LYS A 270 -2.11 16.41 8.29
C LYS A 270 -3.22 17.21 8.97
N ASP A 271 -3.96 16.55 9.86
CA ASP A 271 -5.12 17.18 10.49
C ASP A 271 -4.80 17.72 11.87
N GLU A 272 -4.37 16.84 12.77
CA GLU A 272 -4.02 17.25 14.13
C GLU A 272 -2.67 17.95 14.17
N MET A 273 -1.64 17.27 13.65
CA MET A 273 -0.29 17.82 13.64
C MET A 273 -0.19 19.05 12.73
N ARG A 274 -1.09 19.12 11.75
CA ARG A 274 -1.13 20.20 10.77
C ARG A 274 0.19 20.39 10.06
N LEU A 275 0.91 19.29 9.84
CA LEU A 275 2.15 19.31 9.08
C LEU A 275 1.87 19.56 7.61
N PRO A 276 2.80 20.23 6.91
CA PRO A 276 2.67 20.43 5.47
C PRO A 276 2.57 19.09 4.72
N GLU A 277 1.74 19.05 3.68
CA GLU A 277 1.52 17.82 2.93
C GLU A 277 2.80 17.33 2.25
N THR A 278 3.70 18.27 1.96
CA THR A 278 4.94 17.94 1.27
C THR A 278 5.91 17.21 2.19
N GLU A 279 5.99 17.65 3.44
CA GLU A 279 6.87 17.01 4.42
C GLU A 279 6.36 15.63 4.80
N ILE A 280 5.03 15.47 4.82
CA ILE A 280 4.42 14.17 5.05
C ILE A 280 4.77 13.25 3.90
N GLY A 281 4.81 13.81 2.69
CA GLY A 281 5.23 13.07 1.51
C GLY A 281 6.69 12.67 1.64
N LEU A 282 7.52 13.59 2.12
CA LEU A 282 8.93 13.31 2.36
C LEU A 282 9.08 12.22 3.41
N PHE A 283 8.28 12.31 4.47
CA PHE A 283 8.29 11.32 5.53
C PHE A 283 7.99 9.92 4.99
N ARG A 284 7.06 9.84 4.05
CA ARG A 284 6.72 8.58 3.42
C ARG A 284 7.82 8.12 2.47
N GLY A 285 8.40 9.08 1.75
CA GLY A 285 9.48 8.78 0.82
C GLY A 285 10.72 8.26 1.52
N LEU A 286 10.99 8.78 2.72
CA LEU A 286 12.15 8.37 3.49
C LEU A 286 11.95 7.00 4.13
N GLY A 287 10.71 6.50 4.08
CA GLY A 287 10.40 5.18 4.60
C GLY A 287 11.02 4.09 3.77
N ALA A 288 10.97 4.26 2.46
CA ALA A 288 11.53 3.27 1.53
C ALA A 288 13.06 3.28 1.57
N VAL A 289 13.63 4.40 1.96
CA VAL A 289 15.09 4.54 2.05
C VAL A 289 15.63 3.67 3.19
N PHE A 290 14.96 3.72 4.33
CA PHE A 290 15.36 2.91 5.48
C PHE A 290 15.10 1.43 5.23
N GLY A 291 14.20 1.15 4.30
CA GLY A 291 13.93 -0.22 3.90
C GLY A 291 15.15 -0.85 3.25
N LEU A 292 15.92 -0.03 2.55
CA LEU A 292 17.14 -0.50 1.90
C LEU A 292 18.20 -0.89 2.91
N ILE A 293 18.18 -0.23 4.08
CA ILE A 293 19.14 -0.52 5.13
C ILE A 293 18.98 -1.95 5.62
N SER A 294 17.76 -2.45 5.56
CA SER A 294 17.48 -3.84 5.93
C SER A 294 18.10 -4.80 4.92
N THR A 295 18.15 -4.38 3.66
CA THR A 295 18.70 -5.22 2.60
C THR A 295 20.21 -5.39 2.74
N VAL A 296 20.79 -4.67 3.70
CA VAL A 296 22.22 -4.78 3.98
C VAL A 296 22.41 -5.35 5.39
N SER A 297 21.53 -4.96 6.31
CA SER A 297 21.63 -5.38 7.70
C SER A 297 21.17 -6.82 7.90
N PHE A 298 19.98 -7.14 7.36
CA PHE A 298 19.42 -8.48 7.50
C PHE A 298 20.30 -9.58 6.90
N PRO A 299 20.86 -9.37 5.69
CA PRO A 299 21.77 -10.41 5.20
C PRO A 299 23.01 -10.53 6.07
N TYR A 300 23.47 -9.40 6.62
CA TYR A 300 24.65 -9.38 7.46
C TYR A 300 24.45 -10.20 8.74
N LEU A 301 23.31 -10.00 9.40
CA LEU A 301 23.02 -10.70 10.65
C LEU A 301 22.76 -12.19 10.44
N VAL A 302 22.32 -12.56 9.24
CA VAL A 302 22.07 -13.96 8.92
C VAL A 302 23.36 -14.75 8.89
N ARG A 303 24.38 -14.18 8.25
CA ARG A 303 25.68 -14.83 8.14
C ARG A 303 26.50 -14.68 9.41
N ARG A 304 25.99 -13.90 10.35
CA ARG A 304 26.71 -13.62 11.59
C ARG A 304 26.04 -14.21 12.83
N LEU A 305 24.71 -14.22 12.83
CA LEU A 305 23.95 -14.73 13.97
C LEU A 305 23.08 -15.92 13.61
N GLY A 306 22.53 -15.90 12.40
CA GLY A 306 21.62 -16.94 11.95
C GLY A 306 20.36 -16.33 11.37
N LEU A 307 19.60 -17.12 10.63
CA LEU A 307 18.37 -16.65 10.03
C LEU A 307 17.32 -16.32 11.08
N ILE A 308 17.19 -17.20 12.06
CA ILE A 308 16.21 -17.03 13.14
C ILE A 308 16.56 -15.86 14.04
N SER A 309 17.85 -15.69 14.33
CA SER A 309 18.31 -14.63 15.21
C SER A 309 18.20 -13.25 14.55
N SER A 310 18.49 -13.20 13.24
CA SER A 310 18.41 -11.96 12.50
C SER A 310 16.99 -11.43 12.48
N SER A 311 16.02 -12.34 12.34
CA SER A 311 14.61 -11.98 12.36
C SER A 311 14.24 -11.41 13.73
N ARG A 312 14.71 -12.08 14.78
CA ARG A 312 14.42 -11.66 16.15
C ARG A 312 15.08 -10.31 16.45
N TRP A 313 16.32 -10.15 15.99
CA TRP A 313 17.07 -8.92 16.24
C TRP A 313 16.55 -7.75 15.43
N HIS A 314 15.80 -8.04 14.36
CA HIS A 314 15.18 -7.00 13.57
C HIS A 314 13.80 -6.66 14.13
N LEU A 315 13.04 -7.69 14.48
CA LEU A 315 11.73 -7.51 15.10
C LEU A 315 11.90 -6.82 16.45
N GLY A 316 12.94 -7.21 17.18
CA GLY A 316 13.26 -6.60 18.45
C GLY A 316 13.69 -5.15 18.29
N PHE A 317 14.47 -4.89 17.25
CA PHE A 317 14.94 -3.54 16.96
C PHE A 317 13.77 -2.64 16.55
N GLN A 318 12.77 -3.24 15.92
CA GLN A 318 11.57 -2.49 15.55
C GLN A 318 10.79 -2.08 16.80
N GLY A 319 10.62 -3.03 17.71
CA GLY A 319 9.86 -2.79 18.93
C GLY A 319 10.52 -1.82 19.88
N VAL A 320 11.84 -1.68 19.78
CA VAL A 320 12.57 -0.79 20.69
C VAL A 320 12.64 0.63 20.13
N THR A 321 12.57 0.76 18.81
CA THR A 321 12.58 2.07 18.18
C THR A 321 11.18 2.68 18.23
N LEU A 322 10.16 1.84 18.13
CA LEU A 322 8.78 2.29 18.23
C LEU A 322 8.44 2.67 19.67
N GLY A 323 9.18 2.10 20.62
CA GLY A 323 9.01 2.45 22.02
C GLY A 323 9.43 3.88 22.26
N ILE A 324 10.54 4.28 21.64
CA ILE A 324 11.04 5.64 21.73
C ILE A 324 10.06 6.62 21.07
N ALA A 325 9.47 6.19 19.96
CA ALA A 325 8.54 7.02 19.20
C ALA A 325 7.32 7.39 20.04
N VAL A 326 6.76 6.41 20.74
CA VAL A 326 5.60 6.63 21.60
C VAL A 326 5.99 7.53 22.78
N THR A 327 7.21 7.36 23.27
CA THR A 327 7.72 8.18 24.36
C THR A 327 7.77 9.66 23.95
N ALA A 328 8.32 9.91 22.77
CA ALA A 328 8.39 11.27 22.25
C ALA A 328 7.00 11.77 21.88
N PHE A 329 6.11 10.83 21.58
CA PHE A 329 4.75 11.17 21.18
C PHE A 329 3.95 11.73 22.35
N ALA A 330 4.38 11.40 23.57
CA ALA A 330 3.68 11.85 24.77
C ALA A 330 4.12 13.24 25.20
N MET A 331 5.28 13.67 24.72
CA MET A 331 5.81 14.99 25.06
C MET A 331 5.02 16.10 24.37
N GLY A 332 4.92 16.01 23.04
CA GLY A 332 4.11 16.94 22.28
C GLY A 332 4.76 18.30 22.09
N SER A 333 6.01 18.31 21.65
CA SER A 333 6.71 19.55 21.36
C SER A 333 7.25 19.53 19.94
N THR A 334 7.80 20.66 19.49
CA THR A 334 8.31 20.79 18.13
C THR A 334 9.50 19.87 17.91
N ALA A 335 10.19 19.52 18.98
CA ALA A 335 11.34 18.62 18.90
C ALA A 335 10.89 17.16 19.05
N SER A 336 9.80 16.96 19.78
CA SER A 336 9.30 15.61 20.05
C SER A 336 8.70 14.97 18.81
N VAL A 337 8.11 15.78 17.94
CA VAL A 337 7.52 15.28 16.71
C VAL A 337 8.63 14.85 15.75
N TYR A 338 9.80 15.47 15.88
CA TYR A 338 10.95 15.11 15.06
C TYR A 338 11.51 13.75 15.46
N VAL A 339 11.57 13.50 16.76
CA VAL A 339 12.03 12.22 17.28
C VAL A 339 11.00 11.13 16.98
N PHE A 340 9.73 11.47 17.18
CA PHE A 340 8.62 10.54 16.93
C PHE A 340 8.66 9.98 15.51
N LEU A 341 8.65 10.87 14.53
CA LEU A 341 8.66 10.46 13.13
C LEU A 341 9.97 9.76 12.75
N GLY A 342 11.08 10.24 13.32
CA GLY A 342 12.39 9.69 13.03
C GLY A 342 12.54 8.24 13.44
N CYS A 343 12.03 7.91 14.63
CA CYS A 343 12.10 6.55 15.14
C CYS A 343 11.25 5.61 14.29
N ILE A 344 10.18 6.14 13.72
CA ILE A 344 9.32 5.36 12.85
C ILE A 344 10.08 4.95 11.60
N LEU A 345 10.86 5.88 11.05
CA LEU A 345 11.72 5.59 9.91
C LEU A 345 12.78 4.56 10.27
N LEU A 346 13.36 4.71 11.46
CA LEU A 346 14.39 3.80 11.93
C LEU A 346 13.81 2.41 12.19
N SER A 347 12.53 2.37 12.51
CA SER A 347 11.85 1.09 12.78
C SER A 347 11.67 0.29 11.50
N ARG A 348 11.70 0.97 10.36
CA ARG A 348 11.49 0.31 9.07
C ARG A 348 12.61 -0.67 8.77
N VAL A 349 13.83 -0.33 9.19
CA VAL A 349 14.97 -1.21 9.01
C VAL A 349 14.71 -2.56 9.67
N GLY A 350 14.13 -2.53 10.86
CA GLY A 350 13.80 -3.74 11.58
C GLY A 350 12.60 -4.46 10.99
N LEU A 351 11.61 -3.70 10.53
CA LEU A 351 10.41 -4.28 9.97
C LEU A 351 10.70 -5.00 8.64
N TYR A 352 11.30 -4.28 7.70
CA TYR A 352 11.64 -4.85 6.41
C TYR A 352 12.57 -6.05 6.55
N GLY A 353 13.43 -6.00 7.56
CA GLY A 353 14.33 -7.12 7.83
C GLY A 353 13.58 -8.34 8.32
N PHE A 354 12.70 -8.15 9.30
CA PHE A 354 11.91 -9.23 9.86
C PHE A 354 10.90 -9.77 8.85
N SER A 355 10.39 -8.90 7.99
CA SER A 355 9.43 -9.30 6.98
C SER A 355 10.08 -10.22 5.95
N ASN A 356 11.32 -9.92 5.61
CA ASN A 356 12.10 -10.81 4.74
C ASN A 356 12.37 -12.13 5.42
N GLY A 357 12.68 -12.06 6.72
CA GLY A 357 12.89 -13.25 7.51
C GLY A 357 11.64 -14.11 7.58
N GLU A 358 10.49 -13.44 7.63
CA GLU A 358 9.20 -14.12 7.63
C GLU A 358 9.03 -14.98 6.38
N PHE A 359 9.42 -14.45 5.23
CA PHE A 359 9.25 -15.15 3.96
C PHE A 359 10.20 -16.34 3.84
N GLU A 360 11.49 -16.10 4.08
CA GLU A 360 12.51 -17.14 3.88
C GLU A 360 12.39 -18.28 4.88
N LEU A 361 11.88 -17.99 6.07
CA LEU A 361 11.67 -19.02 7.08
C LEU A 361 10.60 -20.01 6.62
N ARG A 362 9.64 -19.51 5.86
CA ARG A 362 8.58 -20.35 5.32
C ARG A 362 9.07 -21.11 4.08
N GLN A 363 10.08 -20.55 3.42
CA GLN A 363 10.65 -21.18 2.23
C GLN A 363 11.57 -22.33 2.60
N ARG A 364 11.94 -22.39 3.88
CA ARG A 364 12.85 -23.42 4.37
C ARG A 364 12.12 -24.51 5.15
N LEU A 365 10.87 -24.24 5.53
CA LEU A 365 10.09 -25.17 6.32
C LEU A 365 8.90 -25.73 5.54
N ILE A 366 8.66 -25.19 4.34
CA ILE A 366 7.55 -25.61 3.51
C ILE A 366 7.99 -25.86 2.07
N PRO A 367 7.72 -27.07 1.56
CA PRO A 367 8.05 -27.46 0.18
C PRO A 367 7.38 -26.57 -0.86
N GLU A 368 7.84 -26.66 -2.11
CA GLU A 368 7.30 -25.85 -3.19
C GLU A 368 5.87 -26.29 -3.53
N GLY A 369 5.49 -27.47 -3.08
CA GLY A 369 4.16 -28.00 -3.35
C GLY A 369 3.07 -27.32 -2.56
N ARG A 370 3.14 -27.44 -1.24
CA ARG A 370 2.11 -26.91 -0.35
C ARG A 370 2.38 -25.46 0.04
N ARG A 371 3.18 -24.76 -0.75
CA ARG A 371 3.49 -23.37 -0.48
C ARG A 371 2.29 -22.47 -0.74
N GLY A 372 1.38 -22.96 -1.59
CA GLY A 372 0.17 -22.22 -1.92
C GLY A 372 -0.80 -22.16 -0.77
N GLU A 373 -0.80 -23.19 0.06
CA GLU A 373 -1.68 -23.25 1.22
C GLU A 373 -1.22 -22.25 2.28
N LEU A 374 0.09 -22.10 2.41
CA LEU A 374 0.66 -21.20 3.41
C LEU A 374 0.38 -19.73 3.08
N ASN A 375 0.59 -19.36 1.83
CA ASN A 375 0.39 -17.98 1.39
C ASN A 375 -1.06 -17.52 1.55
N SER A 376 -1.99 -18.46 1.42
CA SER A 376 -3.41 -18.15 1.55
C SER A 376 -3.79 -17.96 3.01
N LEU A 377 -3.17 -18.74 3.90
CA LEU A 377 -3.43 -18.64 5.32
C LEU A 377 -2.92 -17.31 5.86
N SER A 378 -1.80 -16.85 5.32
CA SER A 378 -1.24 -15.56 5.69
C SER A 378 -2.13 -14.43 5.18
N SER A 379 -2.71 -14.63 4.01
CA SER A 379 -3.60 -13.65 3.40
C SER A 379 -4.93 -13.57 4.13
N LEU A 380 -5.17 -14.53 5.03
CA LEU A 380 -6.39 -14.53 5.83
C LEU A 380 -6.13 -13.87 7.18
N THR A 381 -4.92 -14.05 7.70
CA THR A 381 -4.56 -13.51 9.00
C THR A 381 -4.21 -12.02 8.93
N THR A 382 -3.36 -11.68 7.98
CA THR A 382 -2.92 -10.30 7.81
C THR A 382 -4.07 -9.39 7.39
N THR A 383 -4.91 -9.89 6.48
CA THR A 383 -6.07 -9.15 6.02
C THR A 383 -7.05 -8.93 7.18
N SER A 384 -7.17 -9.92 8.04
CA SER A 384 -8.00 -9.81 9.23
C SER A 384 -7.52 -8.65 10.10
N ALA A 385 -6.21 -8.56 10.28
CA ALA A 385 -5.61 -7.49 11.06
C ALA A 385 -5.89 -6.13 10.41
N THR A 386 -5.89 -6.11 9.08
CA THR A 386 -6.21 -4.89 8.34
C THR A 386 -7.65 -4.48 8.62
N LEU A 387 -8.56 -5.44 8.52
CA LEU A 387 -9.97 -5.19 8.80
C LEU A 387 -10.18 -4.76 10.24
N ILE A 388 -9.51 -5.43 11.16
CA ILE A 388 -9.57 -5.09 12.58
C ILE A 388 -9.06 -3.68 12.81
N LEU A 389 -7.96 -3.33 12.15
CA LEU A 389 -7.36 -2.01 12.29
C LEU A 389 -8.31 -0.90 11.92
N PHE A 390 -8.84 -0.95 10.68
CA PHE A 390 -9.74 0.08 10.20
C PHE A 390 -11.08 0.05 10.91
N SER A 391 -11.43 -1.10 11.49
CA SER A 391 -12.64 -1.21 12.28
C SER A 391 -12.49 -0.41 13.57
N ALA A 392 -11.31 -0.47 14.16
CA ALA A 392 -11.00 0.34 15.33
C ALA A 392 -10.95 1.80 14.96
N GLY A 393 -10.46 2.07 13.75
CA GLY A 393 -10.41 3.43 13.23
C GLY A 393 -11.78 3.95 12.90
N SER A 394 -12.70 3.04 12.59
CA SER A 394 -14.08 3.42 12.26
C SER A 394 -14.90 3.66 13.52
N LEU A 395 -14.32 3.33 14.67
CA LEU A 395 -14.99 3.51 15.96
C LEU A 395 -14.40 4.68 16.74
N LEU A 396 -13.48 5.40 16.11
CA LEU A 396 -12.86 6.56 16.74
C LEU A 396 -13.89 7.66 16.99
N PRO A 397 -13.68 8.45 18.05
CA PRO A 397 -14.51 9.64 18.31
C PRO A 397 -14.02 10.85 17.50
N GLN A 398 -12.70 11.00 17.39
CA GLN A 398 -12.11 12.13 16.70
C GLN A 398 -10.66 11.84 16.31
N THR A 399 -10.06 12.73 15.51
CA THR A 399 -8.68 12.56 15.09
C THR A 399 -7.72 12.61 16.26
N GLU A 400 -8.11 13.33 17.32
CA GLU A 400 -7.28 13.46 18.49
C GLU A 400 -7.18 12.16 19.27
N ASP A 401 -8.18 11.29 19.10
CA ASP A 401 -8.21 10.01 19.80
C ASP A 401 -7.48 8.92 19.03
N PHE A 402 -6.82 9.32 17.94
CA PHE A 402 -6.01 8.40 17.15
C PHE A 402 -4.80 7.91 17.96
N LYS A 403 -4.46 8.66 18.99
CA LYS A 403 -3.36 8.32 19.88
C LYS A 403 -3.56 6.94 20.52
N TYR A 404 -4.81 6.58 20.76
CA TYR A 404 -5.12 5.29 21.36
C TYR A 404 -4.79 4.14 20.41
N LEU A 405 -4.72 4.44 19.11
CA LEU A 405 -4.29 3.44 18.13
C LEU A 405 -2.78 3.32 18.11
N VAL A 406 -2.09 4.36 18.58
CA VAL A 406 -0.63 4.36 18.64
C VAL A 406 -0.13 3.41 19.72
N TYR A 407 -0.75 3.46 20.89
CA TYR A 407 -0.37 2.59 21.99
C TYR A 407 -0.72 1.14 21.69
N VAL A 408 -1.85 0.94 21.01
CA VAL A 408 -2.25 -0.39 20.57
C VAL A 408 -1.26 -0.93 19.55
N SER A 409 -0.78 -0.04 18.68
CA SER A 409 0.18 -0.42 17.65
C SER A 409 1.49 -0.93 18.25
N LEU A 410 2.01 -0.22 19.23
CA LEU A 410 3.23 -0.63 19.91
C LEU A 410 3.01 -1.95 20.64
N ALA A 411 1.86 -2.07 21.29
CA ALA A 411 1.50 -3.31 21.98
C ALA A 411 1.42 -4.46 20.99
N ALA A 412 0.90 -4.18 19.80
CA ALA A 412 0.81 -5.18 18.75
C ALA A 412 2.18 -5.61 18.26
N VAL A 413 3.13 -4.68 18.29
CA VAL A 413 4.51 -4.97 17.88
C VAL A 413 5.26 -5.71 18.98
N LEU A 414 5.10 -5.25 20.22
CA LEU A 414 5.75 -5.88 21.35
C LEU A 414 5.24 -7.30 21.56
N LEU A 415 3.94 -7.50 21.37
CA LEU A 415 3.35 -8.82 21.49
C LEU A 415 3.75 -9.71 20.31
N ALA A 416 3.96 -9.08 19.16
CA ALA A 416 4.44 -9.79 17.98
C ALA A 416 5.83 -10.35 18.24
N ASN A 417 6.60 -9.64 19.05
CA ASN A 417 7.90 -10.12 19.50
C ASN A 417 7.72 -11.33 20.41
N VAL A 418 6.80 -11.22 21.36
CA VAL A 418 6.52 -12.31 22.30
C VAL A 418 6.09 -13.57 21.56
N VAL A 419 5.20 -13.42 20.59
CA VAL A 419 4.73 -14.55 19.80
C VAL A 419 5.85 -15.18 18.99
N PHE A 420 6.71 -14.34 18.42
CA PHE A 420 7.83 -14.84 17.61
C PHE A 420 8.92 -15.46 18.48
N ILE A 421 9.23 -14.81 19.60
CA ILE A 421 10.23 -15.34 20.52
C ILE A 421 9.79 -16.71 21.06
N LYS A 422 8.50 -16.82 21.35
CA LYS A 422 7.93 -18.09 21.79
C LYS A 422 8.07 -19.14 20.69
N TRP A 423 7.82 -18.73 19.46
CA TRP A 423 7.91 -19.62 18.31
C TRP A 423 9.37 -19.96 17.96
N SER A 424 10.27 -19.02 18.24
CA SER A 424 11.68 -19.17 17.91
C SER A 424 12.30 -20.34 18.67
N SER A 425 11.69 -20.72 19.79
CA SER A 425 12.13 -21.87 20.56
C SER A 425 11.71 -23.16 19.85
N ARG A 426 12.37 -23.45 18.74
CA ARG A 426 12.06 -24.63 17.94
C ARG A 426 13.31 -25.21 17.29
K K B . -1.44 5.19 -13.15
ZN ZN C . -2.90 22.15 2.45
ZN ZN D . 23.92 -10.51 -18.88
C10 OLC E . -27.41 2.54 3.83
C9 OLC E . -26.76 3.69 4.11
C11 OLC E . -26.67 1.21 3.86
C8 OLC E . -25.29 3.68 4.46
C12 OLC E . -26.23 0.84 2.45
C7 OLC E . -24.76 5.10 4.44
C13 OLC E . -25.04 -0.08 2.53
C6 OLC E . -23.46 5.18 5.22
C5 OLC E . -23.19 6.63 5.56
C4 OLC E . -21.71 6.90 5.57
C3 OLC E . -21.48 8.39 5.37
C2 OLC E . -20.26 8.83 6.14
C1 OLC E . -20.18 10.34 6.15
#